data_5KMJ
#
_entry.id   5KMJ
#
_cell.length_a   52.271
_cell.length_b   52.271
_cell.length_c   225.525
_cell.angle_alpha   90.000
_cell.angle_beta   90.000
_cell.angle_gamma   120.000
#
_symmetry.space_group_name_H-M   'P 31 1 2'
#
loop_
_entity.id
_entity.type
_entity.pdbx_description
1 polymer 'High affinity nerve growth factor receptor'
2 non-polymer ~{N}-(pyridin-2-ylmethyl)-2-(2-thiophen-2-ylindol-1-yl)ethanamide
3 water water
#
_entity_poly.entity_id   1
_entity_poly.type   'polypeptide(L)'
_entity_poly.pdbx_seq_one_letter_code
;SSLSPTEGKGSGLQGHIIENPQYFSDACVHHIKRRDIVLKWELGEGAFGKVFLAECHNLLPEQDKMLVAVKALKEASESA
RQDFQREAELLTMLQHQHIVRFFGVCTEGRPLLMVFEYMRHGDLNRFLRSHGPDAKLLAGGEDVAPGPLGLGQLLAVASQ
VAAGMVYLAGLHFVHRDLATRNCLVGQGLVVKIGDFGMSRDIYSTDYYRVGGRTMLPIRWMPPESILYRKFTTESDVWSF
GVVLWEIFTYGKQPWYQLSNTEAIDCITQGRELERPRACPPEVYAIMRGCWQREPQQRHSIKDVHARLQALAQAPPVYLD
VLGHHHHHH
;
_entity_poly.pdbx_strand_id   A
#
# COMPACT_ATOMS: atom_id res chain seq x y z
N LEU A 13 13.98 1.96 6.72
CA LEU A 13 12.88 2.13 7.68
C LEU A 13 11.73 1.13 7.36
N GLN A 14 10.85 0.85 8.33
CA GLN A 14 9.75 -0.10 8.17
C GLN A 14 8.79 0.31 7.02
N GLY A 15 8.76 -0.49 5.97
CA GLY A 15 7.94 -0.25 4.78
C GLY A 15 8.73 0.25 3.60
N HIS A 16 10.05 0.48 3.78
CA HIS A 16 10.90 0.95 2.69
C HIS A 16 11.39 -0.26 1.95
N ILE A 17 11.39 -0.19 0.62
CA ILE A 17 11.83 -1.30 -0.23
C ILE A 17 13.30 -1.75 0.10
N ILE A 18 14.20 -0.79 0.47
CA ILE A 18 15.61 -1.06 0.78
C ILE A 18 15.85 -1.96 2.00
N GLU A 19 14.81 -2.28 2.79
CA GLU A 19 14.94 -3.19 3.93
C GLU A 19 15.05 -4.65 3.45
N ASN A 20 14.88 -4.86 2.13
CA ASN A 20 14.97 -6.16 1.47
C ASN A 20 16.42 -6.48 1.02
N PRO A 21 16.94 -7.70 1.29
CA PRO A 21 18.31 -8.04 0.84
C PRO A 21 18.34 -8.60 -0.60
N GLN A 22 17.20 -8.45 -1.33
CA GLN A 22 17.00 -8.91 -2.71
C GLN A 22 17.80 -8.05 -3.70
N ALA A 27 23.42 -0.33 -13.91
CA ALA A 27 22.31 -1.24 -13.69
C ALA A 27 21.17 -1.02 -14.70
N CYS A 28 20.13 -1.89 -14.64
CA CYS A 28 18.94 -1.86 -15.51
C CYS A 28 18.02 -0.65 -15.22
N VAL A 29 18.48 0.31 -14.40
CA VAL A 29 17.76 1.53 -14.03
C VAL A 29 17.66 2.46 -15.27
N HIS A 30 16.41 2.86 -15.60
CA HIS A 30 16.12 3.75 -16.70
C HIS A 30 16.34 5.20 -16.23
N HIS A 31 16.99 6.02 -17.08
CA HIS A 31 17.29 7.41 -16.76
C HIS A 31 16.45 8.33 -17.58
N ILE A 32 16.11 9.48 -17.00
CA ILE A 32 15.28 10.47 -17.68
C ILE A 32 16.01 11.80 -17.60
N LYS A 33 15.99 12.57 -18.70
CA LYS A 33 16.64 13.90 -18.77
C LYS A 33 15.79 14.92 -18.01
N ARG A 34 16.43 15.83 -17.24
CA ARG A 34 15.74 16.87 -16.46
CA ARG A 34 15.74 16.85 -16.47
C ARG A 34 14.78 17.69 -17.33
N ARG A 35 15.17 17.96 -18.60
CA ARG A 35 14.36 18.75 -19.55
C ARG A 35 13.04 18.06 -19.92
N ASP A 36 13.00 16.72 -19.84
CA ASP A 36 11.82 15.95 -20.16
C ASP A 36 10.80 15.98 -19.01
N ILE A 37 11.19 16.47 -17.84
CA ILE A 37 10.33 16.57 -16.64
C ILE A 37 9.99 18.02 -16.39
N VAL A 38 8.70 18.30 -16.31
CA VAL A 38 8.18 19.63 -16.06
C VAL A 38 7.26 19.53 -14.85
N LEU A 39 7.74 20.04 -13.73
CA LEU A 39 7.06 20.09 -12.42
C LEU A 39 5.84 21.01 -12.49
N LYS A 40 4.70 20.53 -12.00
CA LYS A 40 3.46 21.28 -12.00
C LYS A 40 3.15 21.91 -10.66
N TRP A 41 3.07 21.10 -9.59
CA TRP A 41 2.78 21.53 -8.23
C TRP A 41 3.08 20.40 -7.26
N GLU A 42 3.26 20.74 -5.99
CA GLU A 42 3.55 19.78 -4.94
C GLU A 42 2.28 18.99 -4.58
N LEU A 43 2.42 17.66 -4.38
CA LEU A 43 1.33 16.75 -3.99
C LEU A 43 1.46 16.44 -2.48
N GLY A 44 2.68 16.47 -2.00
CA GLY A 44 2.96 16.24 -0.60
C GLY A 44 4.42 16.35 -0.28
N GLU A 45 4.73 16.28 1.00
CA GLU A 45 6.08 16.34 1.50
C GLU A 45 6.17 15.59 2.80
N GLY A 46 7.30 14.91 2.95
CA GLY A 46 7.60 14.15 4.14
C GLY A 46 9.04 14.35 4.57
N ALA A 47 9.48 13.55 5.55
CA ALA A 47 10.84 13.58 6.12
C ALA A 47 11.93 13.17 5.10
N PHE A 48 11.56 12.35 4.09
CA PHE A 48 12.48 11.83 3.07
C PHE A 48 12.51 12.66 1.78
N GLY A 49 11.56 13.57 1.60
CA GLY A 49 11.50 14.42 0.41
C GLY A 49 10.13 14.98 0.10
N LYS A 50 10.04 15.62 -1.08
CA LYS A 50 8.80 16.22 -1.57
C LYS A 50 8.34 15.42 -2.76
N VAL A 51 7.02 15.43 -3.03
CA VAL A 51 6.40 14.74 -4.16
C VAL A 51 5.66 15.77 -4.96
N PHE A 52 5.90 15.78 -6.28
CA PHE A 52 5.26 16.73 -7.17
C PHE A 52 4.50 16.01 -8.24
N LEU A 53 3.51 16.70 -8.82
CA LEU A 53 2.84 16.19 -10.01
C LEU A 53 3.68 16.87 -11.11
N ALA A 54 3.97 16.14 -12.17
CA ALA A 54 4.77 16.67 -13.26
C ALA A 54 4.29 16.09 -14.58
N GLU A 55 4.72 16.70 -15.71
CA GLU A 55 4.47 16.20 -17.06
C GLU A 55 5.80 15.60 -17.49
N CYS A 56 5.80 14.38 -18.01
CA CYS A 56 7.03 13.77 -18.47
C CYS A 56 6.94 13.53 -19.97
N HIS A 57 7.85 14.18 -20.72
CA HIS A 57 7.92 14.11 -22.18
C HIS A 57 8.80 12.96 -22.65
N ASN A 58 8.45 12.38 -23.80
CA ASN A 58 9.17 11.27 -24.46
C ASN A 58 9.43 10.05 -23.55
N LEU A 59 8.48 9.76 -22.63
CA LEU A 59 8.60 8.64 -21.71
C LEU A 59 8.00 7.36 -22.27
N LEU A 60 6.76 7.44 -22.75
CA LEU A 60 6.04 6.31 -23.32
C LEU A 60 5.70 6.62 -24.79
N PRO A 61 6.08 5.71 -25.73
CA PRO A 61 5.85 5.94 -27.17
C PRO A 61 4.63 6.80 -27.57
N GLU A 62 3.39 6.35 -27.25
CA GLU A 62 2.15 7.06 -27.60
C GLU A 62 1.95 8.36 -26.83
N GLN A 63 2.34 8.37 -25.53
CA GLN A 63 2.21 9.47 -24.57
C GLN A 63 2.62 10.85 -25.09
N ASP A 64 3.92 11.04 -25.47
CA ASP A 64 4.54 12.30 -25.95
C ASP A 64 4.65 13.31 -24.80
N LYS A 65 3.55 13.44 -24.01
CA LYS A 65 3.34 14.26 -22.82
C LYS A 65 2.38 13.42 -21.93
N MET A 66 2.80 13.11 -20.69
CA MET A 66 2.00 12.32 -19.74
C MET A 66 2.22 12.76 -18.29
N LEU A 67 1.22 12.61 -17.42
CA LEU A 67 1.37 12.99 -16.02
C LEU A 67 2.11 11.90 -15.25
N VAL A 68 2.95 12.31 -14.28
CA VAL A 68 3.74 11.43 -13.43
C VAL A 68 3.84 12.03 -12.04
N ALA A 69 4.18 11.22 -11.03
CA ALA A 69 4.41 11.67 -9.65
C ALA A 69 5.95 11.64 -9.54
N VAL A 70 6.54 12.75 -9.11
CA VAL A 70 7.99 12.91 -9.01
C VAL A 70 8.41 13.09 -7.58
N LYS A 71 9.18 12.14 -7.08
CA LYS A 71 9.67 12.19 -5.71
C LYS A 71 11.07 12.84 -5.77
N ALA A 72 11.24 13.95 -5.06
CA ALA A 72 12.51 14.70 -5.00
C ALA A 72 13.07 14.42 -3.65
N LEU A 73 14.18 13.69 -3.63
CA LEU A 73 14.72 13.29 -2.34
C LEU A 73 15.58 14.33 -1.68
N LYS A 74 15.46 14.37 -0.36
CA LYS A 74 16.21 15.24 0.53
C LYS A 74 17.62 14.58 0.64
N GLU A 75 18.69 15.39 0.68
CA GLU A 75 20.07 14.90 0.80
C GLU A 75 20.99 15.95 1.41
N GLU A 78 27.32 10.48 -0.42
CA GLU A 78 26.93 10.16 0.94
C GLU A 78 26.09 8.87 0.99
N SER A 79 25.50 8.56 2.17
CA SER A 79 24.65 7.38 2.38
C SER A 79 23.37 7.53 1.56
N ALA A 80 22.83 8.78 1.49
CA ALA A 80 21.61 9.16 0.75
C ALA A 80 21.69 8.81 -0.74
N ARG A 81 22.81 9.16 -1.41
CA ARG A 81 23.07 8.87 -2.82
C ARG A 81 23.25 7.35 -3.06
N GLN A 82 23.85 6.63 -2.06
CA GLN A 82 24.07 5.17 -2.12
C GLN A 82 22.71 4.44 -1.99
N ASP A 83 21.90 4.85 -0.99
CA ASP A 83 20.58 4.32 -0.70
C ASP A 83 19.64 4.55 -1.89
N PHE A 84 19.76 5.72 -2.55
CA PHE A 84 18.97 6.11 -3.73
C PHE A 84 19.16 5.09 -4.83
N GLN A 85 20.43 4.75 -5.13
CA GLN A 85 20.77 3.79 -6.16
C GLN A 85 20.22 2.39 -5.87
N ARG A 86 20.32 1.95 -4.60
CA ARG A 86 19.81 0.63 -4.19
C ARG A 86 18.25 0.66 -4.32
N GLU A 87 17.61 1.79 -3.92
CA GLU A 87 16.16 1.94 -4.04
C GLU A 87 15.71 1.80 -5.48
N ALA A 88 16.33 2.56 -6.42
CA ALA A 88 15.99 2.50 -7.85
C ALA A 88 16.20 1.11 -8.46
N GLU A 89 17.26 0.40 -8.04
CA GLU A 89 17.53 -0.95 -8.55
C GLU A 89 16.41 -1.91 -8.18
N LEU A 90 16.01 -1.90 -6.89
CA LEU A 90 14.93 -2.72 -6.33
C LEU A 90 13.56 -2.37 -6.98
N LEU A 91 13.25 -1.04 -7.14
CA LEU A 91 12.00 -0.62 -7.79
C LEU A 91 11.95 -1.02 -9.27
N THR A 92 13.13 -1.05 -9.94
CA THR A 92 13.25 -1.46 -11.35
C THR A 92 12.90 -2.95 -11.51
N MET A 93 13.20 -3.79 -10.49
CA MET A 93 12.91 -5.24 -10.49
C MET A 93 11.40 -5.54 -10.52
N LEU A 94 10.56 -4.60 -10.03
CA LEU A 94 9.10 -4.74 -9.94
C LEU A 94 8.34 -4.31 -11.17
N GLN A 95 7.61 -5.25 -11.79
CA GLN A 95 6.80 -4.98 -12.97
C GLN A 95 5.56 -5.85 -12.82
N HIS A 96 4.46 -5.23 -12.35
CA HIS A 96 3.20 -5.95 -12.13
C HIS A 96 2.08 -4.96 -12.21
N GLN A 97 0.92 -5.41 -12.70
CA GLN A 97 -0.28 -4.59 -12.85
C GLN A 97 -0.78 -4.00 -11.52
N HIS A 98 -0.38 -4.58 -10.38
CA HIS A 98 -0.86 -4.08 -9.09
C HIS A 98 0.25 -3.59 -8.16
N ILE A 99 1.35 -3.11 -8.75
CA ILE A 99 2.46 -2.47 -8.03
C ILE A 99 2.60 -1.12 -8.74
N VAL A 100 2.62 -0.01 -7.98
CA VAL A 100 2.76 1.34 -8.59
C VAL A 100 4.00 1.33 -9.50
N ARG A 101 3.84 1.67 -10.76
CA ARG A 101 4.93 1.68 -11.73
C ARG A 101 6.01 2.71 -11.45
N PHE A 102 7.27 2.25 -11.48
CA PHE A 102 8.46 3.07 -11.34
C PHE A 102 8.98 3.26 -12.78
N PHE A 103 9.13 4.51 -13.25
CA PHE A 103 9.59 4.82 -14.62
C PHE A 103 11.09 5.02 -14.73
N GLY A 104 11.72 5.51 -13.67
CA GLY A 104 13.15 5.71 -13.67
C GLY A 104 13.60 6.88 -12.83
N VAL A 105 14.89 7.24 -12.95
CA VAL A 105 15.48 8.32 -12.18
C VAL A 105 15.96 9.48 -13.02
N CYS A 106 16.27 10.60 -12.36
CA CYS A 106 16.92 11.76 -12.96
C CYS A 106 18.07 12.09 -12.04
N THR A 107 19.28 11.82 -12.54
CA THR A 107 20.55 12.02 -11.84
C THR A 107 21.33 13.26 -12.34
N GLU A 108 20.77 14.02 -13.29
CA GLU A 108 21.45 15.23 -13.76
C GLU A 108 21.01 16.40 -12.89
N GLY A 109 21.94 16.95 -12.14
CA GLY A 109 21.67 18.06 -11.23
C GLY A 109 21.06 17.59 -9.92
N ARG A 110 20.67 18.54 -9.07
CA ARG A 110 20.06 18.28 -7.77
C ARG A 110 18.68 18.95 -7.68
N PRO A 111 17.68 18.35 -7.01
CA PRO A 111 17.72 17.06 -6.28
C PRO A 111 17.65 15.85 -7.19
N LEU A 112 18.03 14.67 -6.66
CA LEU A 112 17.92 13.43 -7.42
C LEU A 112 16.41 13.13 -7.48
N LEU A 113 15.90 12.72 -8.66
CA LEU A 113 14.49 12.45 -8.81
C LEU A 113 14.17 11.01 -9.12
N MET A 114 12.99 10.56 -8.62
CA MET A 114 12.41 9.24 -8.88
C MET A 114 11.05 9.48 -9.50
N VAL A 115 10.82 8.89 -10.65
CA VAL A 115 9.60 9.11 -11.44
C VAL A 115 8.69 7.87 -11.39
N PHE A 116 7.41 8.09 -11.07
CA PHE A 116 6.39 7.05 -10.91
C PHE A 116 5.14 7.39 -11.65
N GLU A 117 4.26 6.39 -11.85
CA GLU A 117 2.99 6.71 -12.49
C GLU A 117 2.15 7.55 -11.51
N TYR A 118 1.26 8.35 -12.08
CA TYR A 118 0.37 9.18 -11.30
C TYR A 118 -0.95 8.40 -11.10
N MET A 119 -1.43 8.34 -9.87
CA MET A 119 -2.66 7.62 -9.48
C MET A 119 -3.67 8.66 -9.04
N ARG A 120 -4.58 9.03 -9.96
CA ARG A 120 -5.61 10.06 -9.87
C ARG A 120 -6.38 10.13 -8.56
N HIS A 121 -6.81 8.97 -8.01
CA HIS A 121 -7.62 8.99 -6.79
C HIS A 121 -6.82 9.02 -5.46
N GLY A 122 -5.50 9.08 -5.51
CA GLY A 122 -4.70 9.13 -4.26
C GLY A 122 -4.63 7.80 -3.51
N ASP A 123 -4.30 7.85 -2.21
CA ASP A 123 -4.14 6.65 -1.41
C ASP A 123 -5.49 5.94 -1.14
N LEU A 124 -5.43 4.63 -1.02
CA LEU A 124 -6.61 3.79 -0.81
C LEU A 124 -7.34 4.12 0.48
N ASN A 125 -6.63 4.57 1.56
CA ASN A 125 -7.38 4.92 2.76
C ASN A 125 -8.35 6.10 2.49
N ARG A 126 -7.85 7.15 1.85
CA ARG A 126 -8.61 8.36 1.53
C ARG A 126 -9.77 8.03 0.62
N PHE A 127 -9.55 7.14 -0.37
CA PHE A 127 -10.56 6.69 -1.32
C PHE A 127 -11.69 5.91 -0.63
N LEU A 128 -11.34 5.00 0.31
CA LEU A 128 -12.37 4.23 1.04
C LEU A 128 -13.23 5.16 1.89
N ARG A 129 -12.61 6.08 2.64
CA ARG A 129 -13.32 7.03 3.50
C ARG A 129 -14.24 7.97 2.73
N SER A 130 -13.81 8.41 1.53
CA SER A 130 -14.59 9.32 0.70
C SER A 130 -15.75 8.61 0.00
N HIS A 131 -15.75 7.26 0.02
CA HIS A 131 -16.79 6.44 -0.60
C HIS A 131 -17.40 5.48 0.42
N GLY A 132 -17.53 5.96 1.65
CA GLY A 132 -18.08 5.23 2.79
C GLY A 132 -19.20 5.99 3.49
N PRO A 133 -19.93 5.34 4.43
CA PRO A 133 -21.06 6.02 5.11
C PRO A 133 -20.77 7.33 5.85
N ASP A 134 -19.49 7.64 6.16
CA ASP A 134 -19.08 8.88 6.86
C ASP A 134 -18.68 10.02 5.91
N ALA A 135 -18.83 9.83 4.59
CA ALA A 135 -18.48 10.84 3.58
C ALA A 135 -19.58 11.91 3.40
N LYS A 136 -19.19 13.11 2.87
CA LYS A 136 -20.04 14.28 2.60
C LYS A 136 -21.19 13.96 1.65
N GLY A 141 -17.94 10.73 -9.52
CA GLY A 141 -18.82 9.64 -9.91
C GLY A 141 -18.46 9.03 -11.24
N GLU A 142 -17.23 9.29 -11.73
CA GLU A 142 -16.74 8.75 -13.01
C GLU A 142 -16.45 7.25 -12.99
N ASP A 143 -15.74 6.78 -11.93
CA ASP A 143 -15.33 5.38 -11.79
C ASP A 143 -16.10 4.64 -10.73
N VAL A 144 -16.84 5.36 -9.92
CA VAL A 144 -17.58 4.78 -8.82
C VAL A 144 -18.99 5.36 -8.74
N ALA A 145 -19.98 4.50 -8.41
CA ALA A 145 -21.38 4.89 -8.25
C ALA A 145 -21.58 5.80 -7.02
N PRO A 146 -22.73 6.50 -6.88
CA PRO A 146 -22.93 7.33 -5.68
C PRO A 146 -23.11 6.47 -4.42
N GLY A 147 -22.82 7.06 -3.27
CA GLY A 147 -22.94 6.37 -1.99
C GLY A 147 -21.86 5.34 -1.72
N PRO A 148 -22.00 4.57 -0.60
CA PRO A 148 -20.96 3.57 -0.25
C PRO A 148 -20.66 2.54 -1.32
N LEU A 149 -19.38 2.11 -1.41
CA LEU A 149 -18.94 1.09 -2.37
C LEU A 149 -19.72 -0.17 -2.07
N GLY A 150 -20.14 -0.87 -3.11
CA GLY A 150 -20.89 -2.11 -2.98
C GLY A 150 -19.97 -3.27 -2.66
N LEU A 151 -20.55 -4.45 -2.36
CA LEU A 151 -19.78 -5.64 -2.03
C LEU A 151 -18.78 -6.02 -3.14
N GLY A 152 -19.25 -6.01 -4.38
CA GLY A 152 -18.42 -6.33 -5.54
C GLY A 152 -17.23 -5.40 -5.72
N GLN A 153 -17.40 -4.10 -5.39
CA GLN A 153 -16.33 -3.11 -5.51
C GLN A 153 -15.30 -3.34 -4.41
N LEU A 154 -15.78 -3.67 -3.20
CA LEU A 154 -14.92 -3.93 -2.05
C LEU A 154 -14.07 -5.14 -2.30
N LEU A 155 -14.62 -6.20 -2.94
CA LEU A 155 -13.90 -7.43 -3.27
C LEU A 155 -12.86 -7.21 -4.37
N ALA A 156 -13.17 -6.36 -5.37
CA ALA A 156 -12.28 -6.02 -6.49
C ALA A 156 -11.03 -5.31 -5.90
N VAL A 157 -11.27 -4.37 -4.98
CA VAL A 157 -10.21 -3.61 -4.29
C VAL A 157 -9.34 -4.63 -3.52
N ALA A 158 -9.96 -5.51 -2.70
CA ALA A 158 -9.24 -6.54 -1.92
C ALA A 158 -8.39 -7.47 -2.77
N SER A 159 -8.98 -8.00 -3.86
CA SER A 159 -8.33 -8.91 -4.82
C SER A 159 -7.09 -8.29 -5.47
N GLN A 160 -7.19 -7.03 -5.88
CA GLN A 160 -6.09 -6.30 -6.50
C GLN A 160 -4.92 -6.13 -5.50
N VAL A 161 -5.20 -5.73 -4.23
CA VAL A 161 -4.13 -5.61 -3.20
C VAL A 161 -3.48 -7.00 -3.01
N ALA A 162 -4.31 -8.05 -2.95
CA ALA A 162 -3.82 -9.44 -2.79
C ALA A 162 -2.93 -9.86 -3.96
N ALA A 163 -3.31 -9.50 -5.21
CA ALA A 163 -2.51 -9.82 -6.41
C ALA A 163 -1.12 -9.18 -6.30
N GLY A 164 -1.06 -7.92 -5.81
CA GLY A 164 0.21 -7.21 -5.61
C GLY A 164 1.07 -7.93 -4.59
N MET A 165 0.45 -8.43 -3.50
CA MET A 165 1.14 -9.16 -2.43
C MET A 165 1.62 -10.54 -2.88
N VAL A 166 0.90 -11.17 -3.83
CA VAL A 166 1.26 -12.48 -4.40
C VAL A 166 2.55 -12.22 -5.18
N TYR A 167 2.57 -11.15 -6.01
CA TYR A 167 3.73 -10.80 -6.82
C TYR A 167 4.97 -10.57 -5.95
N LEU A 168 4.87 -9.74 -4.91
CA LEU A 168 5.99 -9.46 -4.01
C LEU A 168 6.49 -10.74 -3.31
N ALA A 169 5.56 -11.63 -2.87
CA ALA A 169 5.93 -12.88 -2.20
C ALA A 169 6.68 -13.79 -3.18
N GLY A 170 6.25 -13.80 -4.44
CA GLY A 170 6.87 -14.56 -5.52
C GLY A 170 8.31 -14.16 -5.79
N LEU A 171 8.66 -12.86 -5.56
CA LEU A 171 10.01 -12.31 -5.74
C LEU A 171 10.76 -12.28 -4.41
N HIS A 172 10.15 -12.83 -3.36
CA HIS A 172 10.67 -12.96 -2.00
C HIS A 172 10.92 -11.57 -1.33
N PHE A 173 10.02 -10.60 -1.63
CA PHE A 173 10.08 -9.29 -0.99
C PHE A 173 9.16 -9.29 0.23
N VAL A 174 9.57 -8.57 1.26
CA VAL A 174 8.79 -8.39 2.48
C VAL A 174 8.49 -6.87 2.51
N HIS A 175 7.22 -6.49 2.65
CA HIS A 175 6.82 -5.07 2.67
C HIS A 175 7.04 -4.40 4.02
N ARG A 176 6.49 -4.96 5.11
CA ARG A 176 6.59 -4.46 6.52
C ARG A 176 5.67 -3.27 6.88
N ASP A 177 5.04 -2.60 5.88
CA ASP A 177 4.13 -1.49 6.21
C ASP A 177 2.91 -1.53 5.34
N LEU A 178 2.39 -2.77 5.10
CA LEU A 178 1.21 -2.92 4.27
C LEU A 178 -0.01 -2.39 5.01
N ALA A 179 -0.73 -1.45 4.40
CA ALA A 179 -1.90 -0.78 4.96
C ALA A 179 -2.56 -0.02 3.81
N THR A 180 -3.87 0.32 3.88
CA THR A 180 -4.51 1.02 2.74
C THR A 180 -3.82 2.37 2.42
N ARG A 181 -3.25 3.05 3.42
CA ARG A 181 -2.52 4.30 3.19
C ARG A 181 -1.31 4.10 2.24
N ASN A 182 -0.81 2.84 2.17
CA ASN A 182 0.37 2.48 1.39
C ASN A 182 0.01 1.79 0.07
N CYS A 183 -1.22 2.03 -0.42
CA CYS A 183 -1.78 1.60 -1.69
C CYS A 183 -2.33 2.84 -2.38
N LEU A 184 -2.32 2.85 -3.71
CA LEU A 184 -2.82 3.99 -4.50
C LEU A 184 -3.94 3.56 -5.42
N VAL A 185 -4.82 4.51 -5.76
CA VAL A 185 -5.97 4.27 -6.62
C VAL A 185 -5.89 5.13 -7.86
N GLY A 186 -5.96 4.47 -9.01
CA GLY A 186 -5.91 5.14 -10.30
C GLY A 186 -7.25 5.10 -11.01
N GLN A 187 -7.31 5.76 -12.18
CA GLN A 187 -8.50 5.84 -13.04
C GLN A 187 -8.93 4.42 -13.38
N GLY A 188 -10.24 4.20 -13.33
CA GLY A 188 -10.86 2.92 -13.62
C GLY A 188 -10.88 2.00 -12.41
N LEU A 189 -10.70 2.59 -11.20
CA LEU A 189 -10.68 1.87 -9.91
C LEU A 189 -9.56 0.80 -9.90
N VAL A 190 -8.40 1.12 -10.49
CA VAL A 190 -7.25 0.22 -10.49
C VAL A 190 -6.54 0.50 -9.17
N VAL A 191 -6.26 -0.56 -8.38
CA VAL A 191 -5.60 -0.42 -7.07
C VAL A 191 -4.21 -1.05 -7.14
N LYS A 192 -3.20 -0.34 -6.59
CA LYS A 192 -1.81 -0.84 -6.63
C LYS A 192 -1.11 -0.54 -5.34
N ILE A 193 -0.12 -1.37 -4.98
CA ILE A 193 0.66 -1.17 -3.77
C ILE A 193 1.76 -0.20 -4.16
N GLY A 194 2.00 0.76 -3.29
CA GLY A 194 3.04 1.74 -3.49
C GLY A 194 2.75 2.99 -2.72
N ASP A 195 3.82 3.68 -2.36
CA ASP A 195 3.72 4.93 -1.63
C ASP A 195 4.99 5.74 -1.90
N PHE A 196 4.92 7.03 -1.64
CA PHE A 196 6.04 7.92 -1.90
C PHE A 196 6.76 8.36 -0.60
N GLY A 197 6.72 7.51 0.43
CA GLY A 197 7.37 7.70 1.72
C GLY A 197 6.90 8.80 2.63
N MET A 198 5.64 9.20 2.51
CA MET A 198 5.03 10.30 3.31
C MET A 198 4.04 9.81 4.37
N SER A 199 3.84 8.49 4.45
CA SER A 199 2.82 7.93 5.37
C SER A 199 2.98 8.32 6.83
N ARG A 200 4.20 8.36 7.36
CA ARG A 200 4.42 8.77 8.75
C ARG A 200 4.09 10.25 8.97
N ASP A 201 4.19 11.06 7.92
CA ASP A 201 3.87 12.49 7.99
C ASP A 201 2.39 12.75 7.80
N ILE A 202 1.74 12.04 6.87
CA ILE A 202 0.31 12.25 6.62
C ILE A 202 -0.56 11.51 7.63
N TYR A 203 -0.15 10.29 8.02
CA TYR A 203 -0.94 9.43 8.93
C TYR A 203 -0.14 9.10 10.20
N SER A 204 0.34 10.13 10.91
CA SER A 204 1.15 9.94 12.11
C SER A 204 0.44 9.11 13.21
N THR A 205 -0.91 9.18 13.34
CA THR A 205 -1.65 8.41 14.36
C THR A 205 -1.71 6.90 14.04
N ASP A 206 -1.29 6.51 12.82
CA ASP A 206 -1.20 5.09 12.42
C ASP A 206 0.12 4.46 12.85
N TYR A 207 0.98 5.23 13.52
CA TYR A 207 2.29 4.80 13.99
C TYR A 207 2.47 5.11 15.46
N TYR A 208 3.21 4.22 16.15
CA TYR A 208 3.54 4.35 17.56
C TYR A 208 5.01 4.79 17.61
N ARG A 209 5.30 5.97 18.18
CA ARG A 209 6.67 6.50 18.25
C ARG A 209 7.37 5.91 19.47
N VAL A 210 8.49 5.26 19.23
CA VAL A 210 9.24 4.60 20.27
C VAL A 210 10.37 5.45 20.88
N GLY A 211 11.28 5.97 20.04
CA GLY A 211 12.40 6.76 20.55
C GLY A 211 12.67 8.07 19.83
N GLY A 212 11.64 8.92 19.77
CA GLY A 212 11.73 10.24 19.13
C GLY A 212 11.87 10.22 17.62
N ARG A 213 12.37 9.09 17.06
CA ARG A 213 12.55 8.93 15.61
C ARG A 213 11.83 7.69 15.01
N THR A 214 11.92 6.52 15.66
CA THR A 214 11.32 5.29 15.14
C THR A 214 9.79 5.27 15.38
N MET A 215 9.03 5.07 14.28
CA MET A 215 7.57 5.03 14.25
C MET A 215 7.16 3.68 13.67
N LEU A 216 6.41 2.91 14.47
CA LEU A 216 5.97 1.55 14.17
C LEU A 216 4.50 1.45 13.84
N PRO A 217 4.09 0.77 12.73
CA PRO A 217 2.64 0.65 12.44
C PRO A 217 2.09 -0.55 13.23
N ILE A 218 2.12 -0.46 14.57
CA ILE A 218 1.73 -1.57 15.48
C ILE A 218 0.33 -2.19 15.19
N ARG A 219 -0.66 -1.37 14.83
CA ARG A 219 -2.03 -1.87 14.58
C ARG A 219 -2.10 -2.82 13.40
N TRP A 220 -1.10 -2.78 12.50
CA TRP A 220 -1.03 -3.67 11.34
C TRP A 220 -0.08 -4.86 11.55
N MET A 221 0.62 -4.88 12.65
CA MET A 221 1.63 -5.88 12.95
C MET A 221 1.17 -7.10 13.77
N PRO A 222 1.69 -8.31 13.42
CA PRO A 222 1.36 -9.51 14.19
C PRO A 222 2.14 -9.57 15.51
N PRO A 223 1.80 -10.51 16.45
CA PRO A 223 2.57 -10.57 17.72
C PRO A 223 4.04 -10.87 17.55
N GLU A 224 4.47 -11.66 16.52
CA GLU A 224 5.91 -11.92 16.36
C GLU A 224 6.73 -10.68 15.95
N SER A 225 6.09 -9.70 15.29
CA SER A 225 6.74 -8.45 14.87
C SER A 225 6.78 -7.50 16.03
N ILE A 226 5.72 -7.45 16.84
CA ILE A 226 5.70 -6.55 18.00
C ILE A 226 6.69 -7.06 19.08
N LEU A 227 6.48 -8.31 19.57
CA LEU A 227 7.24 -8.97 20.62
C LEU A 227 8.67 -9.36 20.25
N TYR A 228 8.90 -9.99 19.07
CA TYR A 228 10.22 -10.50 18.67
C TYR A 228 10.92 -9.75 17.55
N ARG A 229 10.25 -8.74 16.96
CA ARG A 229 10.76 -7.91 15.87
C ARG A 229 11.14 -8.73 14.63
N LYS A 230 10.36 -9.80 14.37
CA LYS A 230 10.54 -10.66 13.20
C LYS A 230 9.58 -10.23 12.09
N PHE A 231 10.05 -10.13 10.83
CA PHE A 231 9.28 -9.74 9.65
C PHE A 231 9.51 -10.72 8.52
N THR A 232 8.41 -11.27 7.99
CA THR A 232 8.40 -12.25 6.93
C THR A 232 7.17 -12.07 6.03
N THR A 233 7.04 -12.96 5.05
CA THR A 233 5.94 -13.09 4.11
C THR A 233 4.68 -13.34 4.94
N GLU A 234 4.82 -14.05 6.08
CA GLU A 234 3.74 -14.39 7.00
C GLU A 234 3.32 -13.22 7.88
N SER A 235 4.23 -12.27 8.17
CA SER A 235 3.82 -11.10 8.95
C SER A 235 3.06 -10.16 8.00
N ASP A 236 3.43 -10.18 6.71
CA ASP A 236 2.78 -9.40 5.66
C ASP A 236 1.39 -9.96 5.42
N VAL A 237 1.23 -11.31 5.48
CA VAL A 237 -0.11 -11.89 5.28
C VAL A 237 -1.06 -11.46 6.43
N TRP A 238 -0.51 -11.32 7.64
CA TRP A 238 -1.27 -10.86 8.80
C TRP A 238 -1.70 -9.40 8.49
N SER A 239 -0.74 -8.54 8.03
CA SER A 239 -1.03 -7.15 7.67
C SER A 239 -2.09 -7.10 6.59
N PHE A 240 -2.07 -8.05 5.62
CA PHE A 240 -3.08 -8.13 4.55
C PHE A 240 -4.45 -8.36 5.16
N GLY A 241 -4.53 -9.21 6.18
CA GLY A 241 -5.79 -9.45 6.89
C GLY A 241 -6.32 -8.17 7.49
N VAL A 242 -5.41 -7.34 8.04
CA VAL A 242 -5.81 -6.05 8.62
C VAL A 242 -6.29 -5.08 7.48
N VAL A 243 -5.62 -5.15 6.31
CA VAL A 243 -5.96 -4.36 5.12
C VAL A 243 -7.40 -4.77 4.68
N LEU A 244 -7.67 -6.09 4.63
CA LEU A 244 -9.00 -6.63 4.30
C LEU A 244 -10.06 -6.00 5.24
N TRP A 245 -9.73 -5.92 6.53
CA TRP A 245 -10.58 -5.32 7.54
C TRP A 245 -10.77 -3.83 7.29
N GLU A 246 -9.68 -3.11 6.93
CA GLU A 246 -9.76 -1.68 6.61
C GLU A 246 -10.72 -1.46 5.43
N ILE A 247 -10.65 -2.32 4.41
CA ILE A 247 -11.48 -2.25 3.20
C ILE A 247 -12.94 -2.38 3.54
N PHE A 248 -13.28 -3.43 4.28
CA PHE A 248 -14.67 -3.70 4.68
C PHE A 248 -15.19 -2.77 5.76
N THR A 249 -14.33 -1.90 6.35
CA THR A 249 -14.82 -0.90 7.32
C THR A 249 -14.77 0.50 6.70
N TYR A 250 -14.45 0.58 5.40
CA TYR A 250 -14.34 1.86 4.67
C TYR A 250 -13.20 2.77 5.19
N GLY A 251 -12.05 2.16 5.44
CA GLY A 251 -10.83 2.86 5.88
C GLY A 251 -10.70 3.24 7.33
N LYS A 252 -11.53 2.66 8.22
CA LYS A 252 -11.50 2.94 9.66
C LYS A 252 -10.17 2.42 10.23
N GLN A 253 -9.61 3.08 11.24
CA GLN A 253 -8.35 2.64 11.83
C GLN A 253 -8.57 1.34 12.65
N PRO A 254 -7.78 0.25 12.43
CA PRO A 254 -7.91 -0.96 13.27
C PRO A 254 -7.69 -0.60 14.75
N TRP A 255 -8.54 -1.14 15.67
CA TRP A 255 -8.47 -0.88 17.11
C TRP A 255 -8.56 0.61 17.43
N TYR A 256 -9.33 1.38 16.64
CA TYR A 256 -9.49 2.83 16.80
C TYR A 256 -9.86 3.24 18.21
N GLN A 257 -10.65 2.40 18.90
CA GLN A 257 -11.12 2.64 20.27
C GLN A 257 -10.00 2.42 21.32
N LEU A 258 -8.82 1.95 20.90
CA LEU A 258 -7.72 1.69 21.82
C LEU A 258 -6.56 2.65 21.59
N SER A 259 -5.85 2.97 22.69
CA SER A 259 -4.62 3.77 22.62
C SER A 259 -3.51 2.83 22.04
N ASN A 260 -2.30 3.39 21.81
CA ASN A 260 -1.20 2.60 21.26
C ASN A 260 -0.77 1.43 22.17
N THR A 261 -0.66 1.67 23.48
CA THR A 261 -0.28 0.64 24.46
C THR A 261 -1.37 -0.41 24.60
N GLU A 262 -2.66 0.02 24.63
CA GLU A 262 -3.80 -0.90 24.71
C GLU A 262 -3.86 -1.77 23.47
N ALA A 263 -3.50 -1.22 22.27
CA ALA A 263 -3.52 -2.03 21.04
C ALA A 263 -2.42 -3.06 21.07
N ILE A 264 -1.23 -2.69 21.59
CA ILE A 264 -0.10 -3.63 21.73
C ILE A 264 -0.54 -4.79 22.67
N ASP A 265 -1.21 -4.44 23.78
CA ASP A 265 -1.72 -5.41 24.75
C ASP A 265 -2.69 -6.40 24.05
N CYS A 266 -3.73 -5.88 23.33
CA CYS A 266 -4.71 -6.70 22.59
C CYS A 266 -4.08 -7.63 21.61
N ILE A 267 -3.16 -7.11 20.77
CA ILE A 267 -2.49 -7.90 19.73
C ILE A 267 -1.66 -9.03 20.34
N THR A 268 -0.81 -8.71 21.32
CA THR A 268 0.04 -9.71 22.00
C THR A 268 -0.81 -10.73 22.78
N GLN A 269 -1.93 -10.29 23.42
CA GLN A 269 -2.88 -11.15 24.16
C GLN A 269 -3.74 -12.06 23.23
N GLY A 270 -3.59 -11.91 21.92
CA GLY A 270 -4.30 -12.72 20.91
C GLY A 270 -5.70 -12.30 20.51
N ARG A 271 -6.13 -11.07 20.83
CA ARG A 271 -7.46 -10.57 20.45
C ARG A 271 -7.54 -10.33 18.93
N GLU A 272 -8.72 -10.57 18.35
CA GLU A 272 -8.95 -10.38 16.92
C GLU A 272 -9.98 -9.32 16.69
N LEU A 273 -9.81 -8.56 15.60
CA LEU A 273 -10.73 -7.48 15.22
C LEU A 273 -12.11 -8.08 14.92
N GLU A 274 -13.17 -7.38 15.31
CA GLU A 274 -14.58 -7.79 15.10
C GLU A 274 -14.90 -7.83 13.60
N ARG A 275 -15.95 -8.59 13.23
CA ARG A 275 -16.37 -8.69 11.84
C ARG A 275 -17.05 -7.38 11.45
N PRO A 276 -16.58 -6.68 10.39
CA PRO A 276 -17.25 -5.43 9.98
C PRO A 276 -18.69 -5.72 9.47
N ARG A 277 -19.62 -4.78 9.68
CA ARG A 277 -21.02 -4.94 9.24
C ARG A 277 -21.18 -5.26 7.74
N ALA A 278 -20.41 -4.57 6.85
CA ALA A 278 -20.44 -4.79 5.40
C ALA A 278 -19.74 -6.08 5.01
N CYS A 279 -19.07 -6.75 5.97
CA CYS A 279 -18.31 -7.96 5.68
C CYS A 279 -19.10 -9.30 5.78
N PRO A 280 -19.27 -10.02 4.65
CA PRO A 280 -19.92 -11.35 4.70
C PRO A 280 -19.08 -12.37 5.49
N PRO A 281 -19.72 -13.44 6.03
CA PRO A 281 -18.97 -14.47 6.79
C PRO A 281 -17.79 -15.09 6.06
N GLU A 282 -17.95 -15.33 4.76
CA GLU A 282 -16.97 -15.91 3.84
C GLU A 282 -15.69 -15.06 3.77
N VAL A 283 -15.86 -13.71 3.77
CA VAL A 283 -14.73 -12.76 3.72
C VAL A 283 -14.04 -12.71 5.10
N TYR A 284 -14.83 -12.76 6.19
CA TYR A 284 -14.26 -12.74 7.55
C TYR A 284 -13.42 -13.99 7.80
N ALA A 285 -13.81 -15.14 7.20
CA ALA A 285 -13.03 -16.38 7.34
C ALA A 285 -11.68 -16.18 6.67
N ILE A 286 -11.62 -15.39 5.56
CA ILE A 286 -10.37 -15.08 4.87
C ILE A 286 -9.49 -14.25 5.83
N MET A 287 -10.06 -13.22 6.52
CA MET A 287 -9.35 -12.37 7.51
C MET A 287 -8.75 -13.23 8.64
N ARG A 288 -9.58 -14.06 9.30
CA ARG A 288 -9.18 -14.96 10.40
C ARG A 288 -8.07 -15.92 9.98
N GLY A 289 -8.07 -16.36 8.71
CA GLY A 289 -7.01 -17.22 8.16
C GLY A 289 -5.65 -16.52 8.14
N CYS A 290 -5.65 -15.17 7.99
CA CYS A 290 -4.46 -14.30 8.00
C CYS A 290 -4.00 -14.06 9.45
N TRP A 291 -4.91 -14.19 10.42
CA TRP A 291 -4.64 -13.87 11.81
C TRP A 291 -4.30 -15.04 12.76
N GLN A 292 -3.84 -16.18 12.23
CA GLN A 292 -3.47 -17.31 13.08
C GLN A 292 -2.23 -16.90 13.88
N ARG A 293 -2.24 -17.16 15.21
CA ARG A 293 -1.12 -16.83 16.09
C ARG A 293 0.20 -17.37 15.53
N GLU A 294 0.22 -18.65 15.15
CA GLU A 294 1.41 -19.29 14.60
C GLU A 294 1.58 -18.93 13.12
N PRO A 295 2.66 -18.18 12.75
CA PRO A 295 2.86 -17.78 11.34
C PRO A 295 2.73 -18.86 10.28
N GLN A 296 3.19 -20.08 10.61
CA GLN A 296 3.20 -21.29 9.79
C GLN A 296 1.77 -21.74 9.44
N GLN A 297 0.80 -21.49 10.35
CA GLN A 297 -0.62 -21.83 10.21
C GLN A 297 -1.43 -20.81 9.36
N ARG A 298 -0.83 -19.64 9.05
CA ARG A 298 -1.50 -18.63 8.24
C ARG A 298 -1.63 -19.08 6.82
N HIS A 299 -2.80 -18.81 6.19
CA HIS A 299 -3.00 -19.18 4.78
C HIS A 299 -2.01 -18.40 3.91
N SER A 300 -1.59 -18.99 2.78
CA SER A 300 -0.66 -18.34 1.88
C SER A 300 -1.40 -17.22 1.17
N ILE A 301 -0.67 -16.19 0.74
CA ILE A 301 -1.25 -15.06 0.03
C ILE A 301 -1.86 -15.54 -1.30
N LYS A 302 -1.22 -16.54 -1.95
CA LYS A 302 -1.66 -17.17 -3.20
C LYS A 302 -3.08 -17.71 -3.03
N ASP A 303 -3.36 -18.39 -1.87
CA ASP A 303 -4.67 -18.93 -1.53
C ASP A 303 -5.67 -17.81 -1.22
N VAL A 304 -5.23 -16.78 -0.44
CA VAL A 304 -6.04 -15.61 -0.06
C VAL A 304 -6.51 -14.88 -1.35
N HIS A 305 -5.59 -14.70 -2.31
CA HIS A 305 -5.86 -14.07 -3.59
C HIS A 305 -6.88 -14.85 -4.44
N ALA A 306 -6.67 -16.18 -4.58
CA ALA A 306 -7.58 -17.05 -5.35
C ALA A 306 -8.99 -16.98 -4.78
N ARG A 307 -9.13 -17.00 -3.43
CA ARG A 307 -10.44 -16.90 -2.78
C ARG A 307 -11.13 -15.57 -3.04
N LEU A 308 -10.41 -14.44 -2.87
CA LEU A 308 -10.98 -13.11 -3.10
C LEU A 308 -11.27 -12.85 -4.59
N GLN A 309 -10.40 -13.32 -5.50
CA GLN A 309 -10.60 -13.13 -6.95
C GLN A 309 -11.90 -13.81 -7.41
N ALA A 310 -12.13 -15.03 -6.89
CA ALA A 310 -13.30 -15.87 -7.17
C ALA A 310 -14.57 -15.13 -6.72
N LEU A 311 -14.59 -14.58 -5.50
CA LEU A 311 -15.73 -13.81 -5.01
C LEU A 311 -15.89 -12.52 -5.84
N ALA A 312 -14.78 -11.81 -6.13
CA ALA A 312 -14.80 -10.56 -6.91
C ALA A 312 -15.45 -10.75 -8.27
N GLN A 313 -15.12 -11.85 -8.97
CA GLN A 313 -15.69 -12.10 -10.30
C GLN A 313 -16.95 -13.00 -10.26
N ALA A 314 -17.57 -13.16 -9.06
CA ALA A 314 -18.79 -13.96 -8.91
C ALA A 314 -19.96 -13.18 -9.53
N PRO A 315 -20.93 -13.89 -10.18
CA PRO A 315 -22.06 -13.18 -10.78
C PRO A 315 -22.95 -12.51 -9.72
N PRO A 316 -23.69 -11.42 -10.05
CA PRO A 316 -24.55 -10.77 -9.03
C PRO A 316 -25.49 -11.71 -8.25
N VAL A 317 -26.06 -12.76 -8.91
CA VAL A 317 -26.94 -13.75 -8.26
C VAL A 317 -26.21 -14.40 -7.06
N TYR A 318 -24.94 -14.79 -7.25
CA TYR A 318 -24.13 -15.40 -6.18
C TYR A 318 -23.75 -14.36 -5.11
N LEU A 319 -23.24 -13.16 -5.51
CA LEU A 319 -22.85 -12.13 -4.54
C LEU A 319 -24.01 -11.58 -3.72
N ASP A 320 -25.22 -11.52 -4.32
CA ASP A 320 -26.42 -11.03 -3.64
C ASP A 320 -26.78 -11.86 -2.42
N VAL A 321 -26.55 -13.19 -2.46
CA VAL A 321 -26.89 -14.07 -1.33
C VAL A 321 -25.75 -14.15 -0.29
N LEU A 322 -24.59 -13.58 -0.60
CA LEU A 322 -23.44 -13.54 0.32
C LEU A 322 -23.63 -12.45 1.38
#